data_4HYS
#
_entry.id   4HYS
#
_cell.length_a   61.360
_cell.length_b   81.498
_cell.length_c   84.471
_cell.angle_alpha   90.00
_cell.angle_beta   90.00
_cell.angle_gamma   90.00
#
_symmetry.space_group_name_H-M   'P 21 21 21'
#
loop_
_entity.id
_entity.type
_entity.pdbx_description
1 polymer 'Mitogen-activated protein kinase 8'
2 polymer 'C-Jun-amino-terminal kinase-interacting protein 1'
3 non-polymer trans-4-{[4-(1H-indazol-1-yl)pyrimidin-2-yl]amino}cyclohexanol
4 water water
#
loop_
_entity_poly.entity_id
_entity_poly.type
_entity_poly.pdbx_seq_one_letter_code
_entity_poly.pdbx_strand_id
1 'polypeptide(L)'
;MSRSKRDNNFYSVEIGDSTFTVLKRYQNLKPIGSGAQGIVCAAYDAILERNVAIKKLSRPFQNQTHAKRAYRELVLMKCV
NHKNIIGLLNVFTPQKSLEEFQDVYIVMELMDANLCQVIQMELDHERMSYLLYQMLCGIKHLHSAGIIHRDLKPSNIVVK
SDCTLKILDFGLARTAGTSFMMTPYVVTRYYRAPEVILGMGYKENVDIWSVGCIMGEMIKGGVLFPGTDHIDQWNKVIEQ
LGTPCPEFMKKLQPTVRTYVENRPKYAGYSFEKLFPDVLFPADSEHNKLKASQARDLLSKMLVIDASKRISVDEALQHPY
INVWYDPSEAEAPPPKIPDKQLDEREHTIEEWKELIYKEVMDLHHHHHH
;
A
2 'polypeptide(L)' RPKRPTTLNLF B
#
loop_
_chem_comp.id
_chem_comp.type
_chem_comp.name
_chem_comp.formula
1BJ non-polymer trans-4-{[4-(1H-indazol-1-yl)pyrimidin-2-yl]amino}cyclohexanol 'C17 H19 N5 O'
#
# COMPACT_ATOMS: atom_id res chain seq x y z
N ASN A 8 -0.17 33.95 -12.55
CA ASN A 8 -0.85 35.05 -11.79
C ASN A 8 -1.97 34.52 -10.88
N ASN A 9 -2.50 33.37 -11.26
CA ASN A 9 -3.14 32.44 -10.33
C ASN A 9 -2.06 31.61 -9.62
N PHE A 10 -0.85 31.60 -10.20
CA PHE A 10 0.27 30.79 -9.75
C PHE A 10 1.41 31.62 -9.16
N TYR A 11 2.25 30.97 -8.36
CA TYR A 11 3.50 31.55 -7.90
C TYR A 11 4.54 30.46 -7.81
N SER A 12 5.80 30.85 -7.69
CA SER A 12 6.92 29.91 -7.70
C SER A 12 7.71 29.89 -6.40
N VAL A 13 8.07 28.68 -5.99
CA VAL A 13 8.90 28.42 -4.83
C VAL A 13 9.91 27.44 -5.32
N GLU A 14 11.15 27.62 -4.89
CA GLU A 14 12.23 26.73 -5.22
C GLU A 14 12.44 25.71 -4.14
N ILE A 15 12.37 24.45 -4.54
CA ILE A 15 12.59 23.35 -3.64
C ILE A 15 13.82 22.68 -4.17
N GLY A 16 14.94 22.94 -3.53
CA GLY A 16 16.21 22.49 -4.07
C GLY A 16 16.41 23.02 -5.49
N ASP A 17 16.72 22.11 -6.41
CA ASP A 17 16.98 22.40 -7.80
C ASP A 17 15.70 22.32 -8.62
N SER A 18 14.57 22.25 -7.96
CA SER A 18 13.34 22.11 -8.68
C SER A 18 12.43 23.25 -8.33
N THR A 19 11.69 23.71 -9.32
CA THR A 19 10.80 24.85 -9.16
C THR A 19 9.36 24.36 -9.16
N PHE A 20 8.66 24.67 -8.07
CA PHE A 20 7.27 24.34 -7.90
C PHE A 20 6.46 25.56 -8.24
N THR A 21 5.68 25.47 -9.33
CA THR A 21 4.73 26.52 -9.66
C THR A 21 3.33 25.99 -9.36
N VAL A 22 2.68 26.64 -8.38
CA VAL A 22 1.45 26.13 -7.79
C VAL A 22 0.42 27.26 -7.62
N LEU A 23 -0.84 26.89 -7.46
CA LEU A 23 -1.88 27.88 -7.26
C LEU A 23 -1.65 28.62 -5.93
N LYS A 24 -1.93 29.92 -5.94
CA LYS A 24 -1.80 30.75 -4.74
C LYS A 24 -2.49 30.22 -3.49
N ARG A 25 -3.55 29.44 -3.65
CA ARG A 25 -4.18 28.78 -2.50
C ARG A 25 -3.24 27.85 -1.71
N TYR A 26 -2.23 27.30 -2.40
CA TYR A 26 -1.30 26.34 -1.78
C TYR A 26 -0.10 27.06 -1.21
N GLN A 27 -0.05 27.11 0.13
CA GLN A 27 0.99 27.86 0.83
C GLN A 27 1.89 26.96 1.66
N ASN A 28 2.95 27.54 2.20
CA ASN A 28 3.79 26.89 3.22
C ASN A 28 4.46 25.57 2.75
N LEU A 29 4.85 25.53 1.48
CA LEU A 29 5.43 24.36 0.87
C LEU A 29 6.73 23.88 1.53
N LYS A 30 6.77 22.59 1.88
CA LYS A 30 7.94 21.97 2.50
C LYS A 30 8.12 20.59 1.89
N PRO A 31 9.28 20.33 1.27
CA PRO A 31 9.44 19.02 0.61
C PRO A 31 9.50 17.89 1.62
N ILE A 32 8.82 16.79 1.32
CA ILE A 32 8.74 15.64 2.22
C ILE A 32 8.98 14.34 1.48
N GLY A 33 9.23 14.41 0.18
CA GLY A 33 9.44 13.19 -0.58
C GLY A 33 10.16 13.52 -1.85
N SER A 34 10.92 12.56 -2.36
CA SER A 34 11.73 12.72 -3.58
C SER A 34 12.25 11.37 -4.01
N GLY A 35 11.47 10.70 -4.86
CA GLY A 35 11.91 9.44 -5.46
C GLY A 35 12.06 9.61 -6.96
N ALA A 36 11.78 8.54 -7.70
CA ALA A 36 11.90 8.55 -9.14
C ALA A 36 10.59 9.00 -9.73
N GLN A 37 9.57 8.95 -8.88
CA GLN A 37 8.17 9.24 -9.24
C GLN A 37 7.91 10.75 -9.14
N GLY A 38 8.57 11.41 -8.17
CA GLY A 38 8.55 12.88 -8.07
C GLY A 38 8.76 13.51 -6.70
N ILE A 39 8.87 14.83 -6.69
CA ILE A 39 8.99 15.62 -5.45
C ILE A 39 7.61 15.86 -4.88
N VAL A 40 7.48 15.68 -3.57
CA VAL A 40 6.24 15.92 -2.89
C VAL A 40 6.51 16.96 -1.84
N CYS A 41 5.63 17.94 -1.74
CA CYS A 41 5.71 18.90 -0.66
C CYS A 41 4.47 18.74 0.17
N ALA A 42 4.61 18.99 1.46
CA ALA A 42 3.49 19.23 2.32
C ALA A 42 3.15 20.69 2.11
N ALA A 43 1.90 21.04 2.41
CA ALA A 43 1.37 22.36 2.11
C ALA A 43 0.04 22.60 2.81
N TYR A 44 -0.24 23.87 3.09
CA TYR A 44 -1.54 24.22 3.60
C TYR A 44 -2.41 24.80 2.48
N ASP A 45 -3.60 24.25 2.34
CA ASP A 45 -4.56 24.68 1.33
C ASP A 45 -5.49 25.72 1.94
N ALA A 46 -5.35 26.96 1.49
CA ALA A 46 -6.04 28.11 2.08
C ALA A 46 -7.51 28.24 1.67
N ILE A 47 -7.95 27.38 0.77
CA ILE A 47 -9.34 27.38 0.32
C ILE A 47 -10.12 26.28 1.03
N LEU A 48 -9.55 25.08 1.06
CA LEU A 48 -10.14 23.97 1.81
C LEU A 48 -9.84 24.04 3.30
N GLU A 49 -8.93 24.94 3.70
CA GLU A 49 -8.56 25.10 5.10
C GLU A 49 -8.17 23.78 5.73
N ARG A 50 -7.14 23.17 5.16
CA ARG A 50 -6.57 21.94 5.66
C ARG A 50 -5.24 21.66 4.97
N ASN A 51 -4.55 20.65 5.47
CA ASN A 51 -3.23 20.32 5.00
C ASN A 51 -3.30 19.31 3.90
N VAL A 52 -2.44 19.52 2.89
CA VAL A 52 -2.40 18.71 1.67
C VAL A 52 -0.97 18.28 1.34
N ALA A 53 -0.83 17.24 0.52
CA ALA A 53 0.45 16.87 -0.09
C ALA A 53 0.43 17.14 -1.60
N ILE A 54 1.39 17.93 -2.09
CA ILE A 54 1.45 18.28 -3.50
C ILE A 54 2.62 17.57 -4.14
N LYS A 55 2.34 16.79 -5.17
CA LYS A 55 3.33 15.98 -5.87
C LYS A 55 3.55 16.49 -7.30
N LYS A 56 4.77 16.91 -7.61
CA LYS A 56 5.16 17.29 -8.96
C LYS A 56 5.72 16.07 -9.69
N LEU A 57 5.09 15.69 -10.80
CA LEU A 57 5.45 14.44 -11.47
C LEU A 57 6.82 14.52 -12.11
N SER A 58 7.63 13.49 -11.88
CA SER A 58 8.96 13.44 -12.45
C SER A 58 8.87 13.15 -13.93
N ARG A 59 9.16 14.17 -14.74
CA ARG A 59 9.32 14.03 -16.19
C ARG A 59 8.26 13.12 -16.83
N PRO A 60 6.99 13.60 -16.88
CA PRO A 60 5.91 12.72 -17.34
C PRO A 60 6.01 12.35 -18.82
N PHE A 61 6.55 13.24 -19.65
CA PHE A 61 6.68 12.96 -21.09
C PHE A 61 8.12 12.75 -21.55
N GLN A 62 9.04 12.49 -20.62
CA GLN A 62 10.40 12.13 -20.97
C GLN A 62 10.35 10.94 -21.94
N ASN A 63 9.58 9.92 -21.58
CA ASN A 63 9.37 8.73 -22.40
C ASN A 63 8.02 8.04 -22.12
N GLN A 64 7.74 7.01 -22.91
CA GLN A 64 6.48 6.28 -22.82
C GLN A 64 6.32 5.49 -21.51
N THR A 65 7.43 5.06 -20.90
CA THR A 65 7.36 4.47 -19.55
C THR A 65 6.78 5.48 -18.54
N HIS A 66 7.38 6.66 -18.48
CA HIS A 66 6.90 7.74 -17.62
C HIS A 66 5.48 8.17 -18.02
N ALA A 67 5.25 8.27 -19.33
CA ALA A 67 3.95 8.74 -19.84
C ALA A 67 2.77 7.85 -19.43
N LYS A 68 2.92 6.53 -19.62
CA LYS A 68 1.89 5.55 -19.24
C LYS A 68 1.65 5.49 -17.73
N ARG A 69 2.73 5.56 -16.94
CA ARG A 69 2.61 5.52 -15.48
C ARG A 69 1.87 6.74 -14.96
N ALA A 70 2.17 7.89 -15.55
CA ALA A 70 1.52 9.12 -15.18
C ALA A 70 0.05 9.09 -15.58
N TYR A 71 -0.25 8.50 -16.74
CA TYR A 71 -1.63 8.36 -17.19
C TYR A 71 -2.38 7.46 -16.23
N ARG A 72 -1.80 6.30 -15.94
CA ARG A 72 -2.37 5.31 -14.99
C ARG A 72 -2.64 5.94 -13.63
N GLU A 73 -1.67 6.73 -13.15
CA GLU A 73 -1.83 7.40 -11.86
C GLU A 73 -3.02 8.37 -11.91
N LEU A 74 -3.02 9.25 -12.91
CA LEU A 74 -4.06 10.25 -13.04
C LEU A 74 -5.47 9.64 -13.11
N VAL A 75 -5.68 8.66 -14.00
CA VAL A 75 -7.02 8.07 -14.20
C VAL A 75 -7.49 7.26 -12.99
N LEU A 76 -6.61 6.41 -12.44
CA LEU A 76 -6.99 5.60 -11.27
C LEU A 76 -7.26 6.44 -10.03
N MET A 77 -6.63 7.61 -9.92
CA MET A 77 -6.86 8.48 -8.78
C MET A 77 -8.16 9.25 -8.90
N LYS A 78 -8.59 9.49 -10.14
CA LYS A 78 -9.84 10.18 -10.44
C LYS A 78 -11.04 9.33 -10.12
N CYS A 79 -10.94 8.04 -10.47
CA CYS A 79 -12.07 7.13 -10.50
C CYS A 79 -12.23 6.39 -9.18
N VAL A 80 -11.10 5.97 -8.62
CA VAL A 80 -11.06 5.34 -7.32
C VAL A 80 -11.37 6.37 -6.23
N ASN A 81 -12.22 6.00 -5.29
CA ASN A 81 -12.74 6.93 -4.32
C ASN A 81 -13.26 6.12 -3.16
N HIS A 82 -12.57 6.22 -2.03
CA HIS A 82 -12.84 5.44 -0.83
C HIS A 82 -12.07 6.11 0.28
N LYS A 83 -12.64 6.15 1.49
CA LYS A 83 -12.02 6.79 2.65
C LYS A 83 -10.71 6.11 3.06
N ASN A 84 -10.39 4.95 2.49
CA ASN A 84 -9.24 4.19 2.93
C ASN A 84 -8.16 4.10 1.87
N ILE A 85 -8.26 5.02 0.92
CA ILE A 85 -7.38 5.12 -0.22
C ILE A 85 -7.04 6.59 -0.39
N ILE A 86 -5.77 6.91 -0.60
CA ILE A 86 -5.43 8.30 -0.85
C ILE A 86 -6.16 8.68 -2.12
N GLY A 87 -7.04 9.66 -1.99
CA GLY A 87 -7.72 10.20 -3.15
C GLY A 87 -7.15 11.52 -3.63
N LEU A 88 -7.56 11.87 -4.84
CA LEU A 88 -7.18 13.13 -5.46
C LEU A 88 -8.06 14.26 -4.97
N LEU A 89 -7.45 15.32 -4.47
CA LEU A 89 -8.19 16.55 -4.18
C LEU A 89 -8.23 17.50 -5.37
N ASN A 90 -7.18 17.46 -6.20
CA ASN A 90 -7.02 18.39 -7.30
C ASN A 90 -5.83 17.96 -8.16
N VAL A 91 -5.80 18.44 -9.41
CA VAL A 91 -4.68 18.24 -10.33
C VAL A 91 -4.59 19.53 -11.08
N PHE A 92 -3.40 19.87 -11.56
CA PHE A 92 -3.25 21.09 -12.32
C PHE A 92 -1.91 21.13 -12.99
N THR A 93 -1.81 22.00 -13.97
CA THR A 93 -0.55 22.35 -14.57
C THR A 93 -0.48 23.86 -14.59
N PRO A 94 0.72 24.43 -14.41
CA PRO A 94 0.83 25.88 -14.53
C PRO A 94 0.88 26.38 -15.98
N GLN A 95 1.00 25.47 -16.94
CA GLN A 95 1.05 25.85 -18.35
C GLN A 95 -0.33 26.03 -19.01
N LYS A 96 -0.42 26.95 -19.96
CA LYS A 96 -1.70 27.45 -20.45
C LYS A 96 -2.21 26.84 -21.76
N SER A 97 -1.36 26.03 -22.40
CA SER A 97 -1.71 25.41 -23.69
C SER A 97 -1.02 24.06 -23.85
N LEU A 98 -1.60 23.20 -24.68
CA LEU A 98 -1.05 21.89 -24.97
C LEU A 98 0.41 21.97 -25.36
N GLU A 99 0.73 23.00 -26.14
CA GLU A 99 2.09 23.17 -26.63
C GLU A 99 3.07 23.50 -25.51
N GLU A 100 2.61 24.33 -24.56
CA GLU A 100 3.50 24.76 -23.48
C GLU A 100 3.57 23.71 -22.38
N PHE A 101 2.58 22.83 -22.34
CA PHE A 101 2.48 21.77 -21.33
C PHE A 101 3.81 21.10 -20.97
N GLN A 102 4.13 21.00 -19.67
CA GLN A 102 5.35 20.33 -19.15
C GLN A 102 5.13 19.55 -17.86
N ASP A 103 4.46 20.16 -16.88
CA ASP A 103 4.40 19.67 -15.50
C ASP A 103 2.99 19.36 -15.01
N VAL A 104 2.87 18.29 -14.21
CA VAL A 104 1.59 17.84 -13.65
C VAL A 104 1.70 17.85 -12.14
N TYR A 105 0.77 18.55 -11.48
CA TYR A 105 0.75 18.64 -10.01
C TYR A 105 -0.48 17.93 -9.48
N ILE A 106 -0.27 16.95 -8.62
CA ILE A 106 -1.37 16.20 -8.02
C ILE A 106 -1.51 16.61 -6.57
N VAL A 107 -2.73 16.88 -6.11
CA VAL A 107 -2.93 17.30 -4.71
C VAL A 107 -3.73 16.26 -3.94
N MET A 108 -3.19 15.80 -2.82
CA MET A 108 -3.78 14.77 -1.96
C MET A 108 -3.94 15.29 -0.54
N GLU A 109 -4.76 14.61 0.27
CA GLU A 109 -4.83 14.91 1.70
C GLU A 109 -3.48 14.57 2.32
N LEU A 110 -3.03 15.40 3.26
CA LEU A 110 -1.79 15.13 3.99
C LEU A 110 -2.08 14.25 5.20
N MET A 111 -1.46 13.07 5.25
CA MET A 111 -1.58 12.20 6.42
C MET A 111 -0.41 12.42 7.38
N ASP A 112 -0.58 12.02 8.64
CA ASP A 112 0.37 12.40 9.66
C ASP A 112 1.62 11.53 9.67
N ALA A 113 1.47 10.24 9.37
CA ALA A 113 2.55 9.27 9.50
C ALA A 113 2.34 8.12 8.56
N ASN A 114 3.37 7.31 8.35
CA ASN A 114 3.22 6.03 7.71
C ASN A 114 3.13 5.00 8.82
N LEU A 115 3.03 3.71 8.51
CA LEU A 115 2.92 2.71 9.59
C LEU A 115 4.26 2.21 10.21
N CYS A 116 5.41 2.63 9.69
CA CYS A 116 6.73 2.10 10.14
C CYS A 116 6.98 2.16 11.63
N GLN A 117 6.71 3.32 12.22
CA GLN A 117 7.04 3.52 13.62
C GLN A 117 5.84 3.17 14.52
N VAL A 118 4.63 3.47 14.05
CA VAL A 118 3.39 3.11 14.76
C VAL A 118 3.25 1.62 15.08
N ILE A 119 3.52 0.74 14.10
CA ILE A 119 3.18 -0.68 14.29
C ILE A 119 4.03 -1.37 15.34
N GLN A 120 5.19 -0.79 15.63
CA GLN A 120 6.11 -1.33 16.61
C GLN A 120 5.77 -0.88 18.05
N MET A 121 5.00 0.20 18.18
CA MET A 121 4.41 0.61 19.44
C MET A 121 3.24 -0.32 19.69
N GLU A 122 3.22 -1.01 20.82
CA GLU A 122 2.17 -2.00 21.03
C GLU A 122 0.80 -1.33 21.16
N LEU A 123 -0.03 -1.60 20.16
CA LEU A 123 -1.40 -1.16 20.14
C LEU A 123 -2.20 -2.21 20.86
N ASP A 124 -3.33 -1.80 21.40
CA ASP A 124 -4.33 -2.71 21.93
C ASP A 124 -5.05 -3.38 20.74
N HIS A 125 -5.91 -4.34 21.05
CA HIS A 125 -6.67 -5.08 20.04
C HIS A 125 -7.57 -4.15 19.26
N GLU A 126 -8.30 -3.29 19.98
CA GLU A 126 -9.25 -2.37 19.36
C GLU A 126 -8.61 -1.63 18.20
N ARG A 127 -7.45 -1.03 18.45
CA ARG A 127 -6.73 -0.27 17.41
C ARG A 127 -6.11 -1.15 16.34
N MET A 128 -5.53 -2.26 16.76
CA MET A 128 -4.91 -3.23 15.87
C MET A 128 -5.96 -3.70 14.87
N SER A 129 -7.09 -4.17 15.39
CA SER A 129 -8.15 -4.72 14.56
C SER A 129 -8.77 -3.65 13.68
N TYR A 130 -8.93 -2.44 14.22
CA TYR A 130 -9.50 -1.34 13.46
C TYR A 130 -8.60 -0.89 12.34
N LEU A 131 -7.29 -0.83 12.59
CA LEU A 131 -6.34 -0.47 11.53
C LEU A 131 -6.38 -1.51 10.43
N LEU A 132 -6.49 -2.78 10.81
CA LEU A 132 -6.47 -3.89 9.86
C LEU A 132 -7.81 -3.94 9.10
N TYR A 133 -8.89 -3.64 9.81
CA TYR A 133 -10.21 -3.53 9.18
C TYR A 133 -10.17 -2.45 8.09
N GLN A 134 -9.57 -1.32 8.42
CA GLN A 134 -9.37 -0.24 7.46
C GLN A 134 -8.54 -0.65 6.23
N MET A 135 -7.37 -1.27 6.42
CA MET A 135 -6.53 -1.67 5.29
C MET A 135 -7.33 -2.53 4.31
N LEU A 136 -8.03 -3.51 4.87
CA LEU A 136 -8.77 -4.51 4.13
C LEU A 136 -9.91 -3.89 3.32
N CYS A 137 -10.60 -2.91 3.90
CA CYS A 137 -11.60 -2.15 3.17
C CYS A 137 -10.98 -1.40 2.00
N GLY A 138 -9.74 -0.93 2.19
CA GLY A 138 -9.03 -0.23 1.12
C GLY A 138 -8.59 -1.20 0.04
N ILE A 139 -7.97 -2.30 0.43
CA ILE A 139 -7.56 -3.35 -0.49
C ILE A 139 -8.76 -3.91 -1.26
N LYS A 140 -9.88 -4.13 -0.57
CA LYS A 140 -11.07 -4.69 -1.20
C LYS A 140 -11.59 -3.76 -2.29
N HIS A 141 -11.47 -2.46 -2.03
CA HIS A 141 -11.91 -1.45 -2.97
C HIS A 141 -10.98 -1.36 -4.17
N LEU A 142 -9.67 -1.37 -3.93
CA LEU A 142 -8.67 -1.49 -5.00
C LEU A 142 -8.92 -2.72 -5.89
N HIS A 143 -9.16 -3.86 -5.26
CA HIS A 143 -9.37 -5.12 -5.97
C HIS A 143 -10.61 -5.03 -6.84
N SER A 144 -11.63 -4.33 -6.34
CA SER A 144 -12.87 -4.14 -7.09
C SER A 144 -12.64 -3.32 -8.34
N ALA A 145 -11.61 -2.46 -8.33
CA ALA A 145 -11.28 -1.64 -9.50
C ALA A 145 -10.28 -2.35 -10.40
N GLY A 146 -9.98 -3.60 -10.06
CA GLY A 146 -9.12 -4.42 -10.88
C GLY A 146 -7.67 -4.07 -10.64
N ILE A 147 -7.39 -3.55 -9.45
CA ILE A 147 -6.03 -3.21 -9.07
C ILE A 147 -5.58 -4.09 -7.92
N ILE A 148 -4.58 -4.91 -8.20
CA ILE A 148 -3.93 -5.74 -7.21
C ILE A 148 -2.58 -5.10 -6.94
N HIS A 149 -2.30 -4.87 -5.66
CA HIS A 149 -1.23 -3.97 -5.28
C HIS A 149 0.14 -4.64 -5.34
N ARG A 150 0.28 -5.77 -4.63
CA ARG A 150 1.48 -6.61 -4.67
C ARG A 150 2.64 -6.12 -3.80
N ASP A 151 2.57 -4.88 -3.35
CA ASP A 151 3.71 -4.25 -2.67
C ASP A 151 3.28 -3.41 -1.46
N LEU A 152 2.36 -3.93 -0.65
CA LEU A 152 1.95 -3.22 0.57
C LEU A 152 3.03 -3.41 1.61
N LYS A 153 3.32 -2.35 2.37
CA LYS A 153 4.34 -2.36 3.43
C LYS A 153 4.06 -1.18 4.35
N PRO A 154 4.69 -1.13 5.53
CA PRO A 154 4.43 -0.02 6.44
C PRO A 154 4.56 1.32 5.75
N SER A 155 5.52 1.44 4.83
CA SER A 155 5.82 2.73 4.23
C SER A 155 4.74 3.27 3.31
N ASN A 156 3.95 2.40 2.71
CA ASN A 156 2.89 2.90 1.81
C ASN A 156 1.47 2.78 2.34
N ILE A 157 1.35 2.75 3.66
CA ILE A 157 0.07 2.81 4.32
C ILE A 157 0.17 3.95 5.33
N VAL A 158 -0.74 4.90 5.22
CA VAL A 158 -0.61 6.13 5.99
C VAL A 158 -1.77 6.33 6.93
N VAL A 159 -1.51 7.03 8.03
CA VAL A 159 -2.50 7.23 9.09
C VAL A 159 -2.53 8.68 9.59
N LYS A 160 -3.61 9.02 10.30
CA LYS A 160 -3.74 10.30 10.99
C LYS A 160 -3.92 10.07 12.48
N SER A 161 -3.64 11.10 13.27
CA SER A 161 -3.67 11.00 14.72
C SER A 161 -5.07 10.63 15.25
N ASP A 162 -6.08 10.64 14.38
CA ASP A 162 -7.43 10.20 14.75
C ASP A 162 -7.70 8.70 14.45
N CYS A 163 -6.63 7.91 14.28
CA CYS A 163 -6.71 6.47 13.99
C CYS A 163 -7.39 6.10 12.67
N THR A 164 -7.49 7.05 11.74
CA THR A 164 -7.89 6.74 10.37
C THR A 164 -6.66 6.28 9.58
N LEU A 165 -6.88 5.73 8.39
CA LEU A 165 -5.84 5.03 7.62
C LEU A 165 -6.18 4.95 6.15
N LYS A 166 -5.17 5.17 5.31
CA LYS A 166 -5.37 5.07 3.86
C LYS A 166 -4.22 4.38 3.24
N ILE A 167 -4.48 3.76 2.10
CA ILE A 167 -3.44 3.15 1.30
C ILE A 167 -2.85 4.23 0.42
N LEU A 168 -1.53 4.42 0.47
CA LEU A 168 -0.92 5.56 -0.24
C LEU A 168 -1.02 5.52 -1.76
N ASP A 169 -0.81 4.36 -2.37
CA ASP A 169 -0.69 4.29 -3.84
C ASP A 169 -1.20 2.97 -4.42
N PHE A 170 -0.99 2.76 -5.71
CA PHE A 170 -1.62 1.65 -6.41
C PHE A 170 -0.71 0.49 -6.74
N GLY A 171 0.48 0.48 -6.17
CA GLY A 171 1.40 -0.65 -6.30
C GLY A 171 1.88 -0.96 -7.72
N LEU A 172 2.22 -2.23 -7.94
CA LEU A 172 2.89 -2.63 -9.16
C LEU A 172 1.96 -2.65 -10.37
N THR A 188 12.66 -3.22 0.19
CA THR A 188 11.92 -3.93 1.29
C THR A 188 11.11 -5.11 0.75
N ARG A 189 11.76 -6.27 0.63
CA ARG A 189 11.08 -7.50 0.22
C ARG A 189 10.51 -8.32 1.40
N TYR A 190 10.41 -7.71 2.57
CA TYR A 190 9.97 -8.43 3.76
C TYR A 190 8.46 -8.70 3.80
N TYR A 191 7.68 -7.94 3.02
CA TYR A 191 6.21 -8.00 3.05
C TYR A 191 5.67 -8.55 1.72
N ARG A 192 6.59 -9.04 0.89
CA ARG A 192 6.25 -9.61 -0.40
C ARG A 192 5.70 -11.02 -0.21
N ALA A 193 4.69 -11.36 -0.99
CA ALA A 193 4.12 -12.70 -0.97
C ALA A 193 5.05 -13.70 -1.66
N PRO A 194 5.07 -14.96 -1.17
CA PRO A 194 5.84 -16.00 -1.78
C PRO A 194 5.68 -16.08 -3.28
N GLU A 195 4.47 -15.84 -3.79
CA GLU A 195 4.19 -15.81 -5.24
C GLU A 195 5.06 -14.81 -5.96
N VAL A 196 5.23 -13.64 -5.35
CA VAL A 196 6.06 -12.57 -5.91
C VAL A 196 7.54 -12.90 -5.79
N ILE A 197 7.96 -13.40 -4.62
CA ILE A 197 9.36 -13.76 -4.34
C ILE A 197 9.86 -14.79 -5.33
N LEU A 198 9.09 -15.86 -5.51
CA LEU A 198 9.37 -16.80 -6.58
C LEU A 198 8.73 -16.14 -7.80
N GLY A 199 8.72 -16.81 -8.93
CA GLY A 199 8.17 -16.13 -10.11
C GLY A 199 6.91 -16.84 -10.52
N MET A 200 5.93 -16.88 -9.63
CA MET A 200 4.66 -17.54 -9.91
C MET A 200 3.61 -16.48 -10.24
N GLY A 201 2.52 -16.88 -10.86
CA GLY A 201 1.38 -15.98 -11.03
C GLY A 201 0.81 -15.64 -9.65
N TYR A 202 -0.12 -14.69 -9.61
CA TYR A 202 -0.71 -14.24 -8.35
C TYR A 202 -2.20 -13.90 -8.59
N LYS A 203 -2.94 -13.73 -7.52
CA LYS A 203 -4.35 -13.36 -7.63
C LYS A 203 -4.61 -12.32 -6.56
N GLU A 204 -5.86 -11.92 -6.38
CA GLU A 204 -6.24 -11.00 -5.31
C GLU A 204 -5.56 -11.25 -3.94
N ASN A 205 -5.51 -12.50 -3.47
CA ASN A 205 -5.10 -12.71 -2.11
C ASN A 205 -3.58 -12.62 -1.90
N VAL A 206 -2.89 -12.22 -2.97
CA VAL A 206 -1.49 -11.82 -2.85
C VAL A 206 -1.34 -10.67 -1.85
N ASP A 207 -2.33 -9.80 -1.81
CA ASP A 207 -2.34 -8.70 -0.86
C ASP A 207 -2.59 -9.13 0.59
N ILE A 208 -3.34 -10.22 0.78
CA ILE A 208 -3.55 -10.78 2.12
C ILE A 208 -2.23 -11.08 2.85
N TRP A 209 -1.25 -11.60 2.11
CA TRP A 209 0.06 -11.90 2.68
C TRP A 209 0.73 -10.69 3.28
N SER A 210 0.75 -9.59 2.54
CA SER A 210 1.36 -8.36 3.02
C SER A 210 0.67 -7.88 4.29
N VAL A 211 -0.66 -8.03 4.32
CA VAL A 211 -1.44 -7.70 5.48
C VAL A 211 -1.09 -8.65 6.63
N GLY A 212 -0.85 -9.92 6.30
CA GLY A 212 -0.43 -10.90 7.31
C GLY A 212 0.92 -10.55 7.95
N CYS A 213 1.90 -10.16 7.14
CA CYS A 213 3.19 -9.75 7.71
C CYS A 213 3.01 -8.53 8.60
N ILE A 214 2.24 -7.56 8.12
CA ILE A 214 2.10 -6.32 8.86
C ILE A 214 1.47 -6.58 10.21
N MET A 215 0.42 -7.40 10.21
CA MET A 215 -0.26 -7.76 11.45
C MET A 215 0.67 -8.47 12.45
N GLY A 216 1.37 -9.49 11.97
CA GLY A 216 2.26 -10.28 12.81
C GLY A 216 3.26 -9.36 13.50
N GLU A 217 3.82 -8.46 12.70
CA GLU A 217 4.75 -7.45 13.17
C GLU A 217 4.19 -6.61 14.33
N MET A 218 2.99 -6.04 14.14
CA MET A 218 2.25 -5.34 15.22
C MET A 218 2.25 -6.11 16.53
N ILE A 219 1.95 -7.41 16.42
CA ILE A 219 1.84 -8.26 17.58
C ILE A 219 3.20 -8.63 18.18
N LYS A 220 4.23 -8.68 17.34
CA LYS A 220 5.53 -9.15 17.80
C LYS A 220 6.49 -8.02 18.17
N GLY A 221 6.57 -7.00 17.33
CA GLY A 221 7.42 -5.84 17.62
C GLY A 221 8.57 -5.65 16.65
N GLY A 222 8.74 -6.57 15.73
CA GLY A 222 9.77 -6.45 14.68
C GLY A 222 9.41 -7.23 13.44
N VAL A 223 10.11 -6.95 12.35
CA VAL A 223 9.91 -7.62 11.07
C VAL A 223 9.78 -9.14 11.23
N LEU A 224 8.75 -9.70 10.59
CA LEU A 224 8.44 -11.13 10.70
C LEU A 224 9.47 -11.97 9.97
N PHE A 225 9.78 -11.55 8.74
CA PHE A 225 10.65 -12.31 7.84
C PHE A 225 11.72 -11.39 7.24
N PRO A 226 12.74 -11.02 8.03
CA PRO A 226 13.76 -10.07 7.55
C PRO A 226 14.86 -10.71 6.71
N GLY A 227 14.53 -11.13 5.50
CA GLY A 227 15.50 -11.69 4.57
C GLY A 227 16.53 -10.67 4.11
N THR A 228 17.80 -11.03 4.24
CA THR A 228 18.94 -10.20 3.82
C THR A 228 19.18 -10.16 2.29
N ASP A 229 18.32 -10.86 1.53
CA ASP A 229 18.37 -10.97 0.06
C ASP A 229 17.20 -11.81 -0.52
N HIS A 230 16.95 -11.72 -1.82
CA HIS A 230 15.76 -12.33 -2.44
C HIS A 230 15.66 -13.85 -2.27
N ILE A 231 16.76 -14.46 -1.88
CA ILE A 231 16.78 -15.90 -1.59
C ILE A 231 16.62 -16.19 -0.09
N ASP A 232 17.28 -15.38 0.75
CA ASP A 232 17.14 -15.52 2.21
C ASP A 232 15.72 -15.24 2.68
N GLN A 233 15.00 -14.41 1.93
CA GLN A 233 13.59 -14.16 2.23
C GLN A 233 12.83 -15.49 2.27
N TRP A 234 12.99 -16.32 1.24
CA TRP A 234 12.36 -17.64 1.23
C TRP A 234 12.68 -18.47 2.49
N ASN A 235 13.96 -18.56 2.82
CA ASN A 235 14.42 -19.40 3.92
C ASN A 235 13.90 -18.89 5.24
N LYS A 236 13.87 -17.57 5.41
CA LYS A 236 13.27 -16.98 6.61
C LYS A 236 11.81 -17.43 6.77
N VAL A 237 11.07 -17.39 5.65
CA VAL A 237 9.66 -17.78 5.64
C VAL A 237 9.44 -19.25 6.03
N ILE A 238 10.16 -20.16 5.38
CA ILE A 238 10.03 -21.59 5.65
C ILE A 238 10.53 -21.99 7.04
N GLU A 239 11.54 -21.28 7.54
CA GLU A 239 12.09 -21.60 8.88
C GLU A 239 11.00 -21.48 9.93
N GLN A 240 10.04 -20.59 9.67
CA GLN A 240 8.97 -20.34 10.63
C GLN A 240 7.66 -21.02 10.27
N LEU A 241 7.37 -21.10 8.97
CA LEU A 241 6.07 -21.60 8.54
C LEU A 241 6.13 -23.06 8.12
N GLY A 242 7.32 -23.56 7.85
CA GLY A 242 7.45 -24.92 7.39
C GLY A 242 7.51 -24.98 5.88
N THR A 243 8.16 -26.03 5.38
CA THR A 243 8.40 -26.24 3.98
C THR A 243 7.06 -26.55 3.32
N PRO A 244 6.71 -25.81 2.26
CA PRO A 244 5.41 -26.05 1.64
C PRO A 244 5.31 -27.44 1.02
N CYS A 245 4.10 -27.81 0.63
CA CYS A 245 3.82 -29.13 0.08
C CYS A 245 4.53 -29.43 -1.25
N PRO A 246 4.65 -30.71 -1.60
CA PRO A 246 5.21 -31.02 -2.92
C PRO A 246 4.26 -30.63 -4.05
N GLU A 247 2.97 -30.50 -3.71
CA GLU A 247 1.93 -30.05 -4.63
C GLU A 247 2.15 -28.59 -5.01
N PHE A 248 2.68 -27.83 -4.05
CA PHE A 248 3.04 -26.43 -4.25
C PHE A 248 4.31 -26.37 -5.10
N MET A 249 5.25 -27.26 -4.82
CA MET A 249 6.54 -27.31 -5.50
C MET A 249 6.37 -27.47 -7.01
N LYS A 250 5.35 -28.21 -7.39
CA LYS A 250 5.10 -28.49 -8.82
C LYS A 250 4.67 -27.24 -9.59
N LYS A 251 4.25 -26.19 -8.87
CA LYS A 251 3.81 -24.96 -9.51
C LYS A 251 4.97 -24.05 -9.85
N LEU A 252 6.16 -24.38 -9.34
CA LEU A 252 7.32 -23.52 -9.52
C LEU A 252 8.01 -23.71 -10.88
N GLN A 253 8.64 -22.64 -11.37
CA GLN A 253 9.56 -22.70 -12.53
C GLN A 253 10.76 -23.62 -12.23
N PRO A 254 11.21 -24.42 -13.21
CA PRO A 254 12.26 -25.44 -13.01
C PRO A 254 13.46 -24.97 -12.18
N THR A 255 13.97 -23.80 -12.52
CA THR A 255 15.18 -23.30 -11.90
C THR A 255 14.97 -22.98 -10.41
N VAL A 256 13.82 -22.39 -10.07
CA VAL A 256 13.52 -22.04 -8.68
C VAL A 256 13.12 -23.33 -7.93
N ARG A 257 12.44 -24.23 -8.62
CA ARG A 257 12.05 -25.51 -8.02
C ARG A 257 13.24 -26.44 -7.69
N THR A 258 14.27 -26.47 -8.54
CA THR A 258 15.46 -27.22 -8.22
C THR A 258 16.12 -26.72 -6.92
N TYR A 259 16.21 -25.40 -6.77
CA TYR A 259 16.72 -24.82 -5.54
C TYR A 259 15.79 -25.12 -4.33
N VAL A 260 14.58 -24.58 -4.36
CA VAL A 260 13.65 -24.69 -3.25
C VAL A 260 13.46 -26.13 -2.81
N GLU A 261 13.33 -27.04 -3.76
CA GLU A 261 13.03 -28.44 -3.50
C GLU A 261 14.16 -29.15 -2.76
N ASN A 262 15.34 -28.53 -2.77
CA ASN A 262 16.54 -29.19 -2.25
C ASN A 262 17.13 -28.53 -1.02
N ARG A 263 16.34 -27.68 -0.36
CA ARG A 263 16.68 -27.17 0.95
C ARG A 263 16.45 -28.29 1.97
N PRO A 264 17.01 -28.16 3.20
CA PRO A 264 16.52 -29.06 4.26
C PRO A 264 15.03 -28.84 4.54
N LYS A 265 14.34 -29.88 4.97
CA LYS A 265 12.91 -29.86 5.26
C LYS A 265 12.61 -29.22 6.62
N TYR A 266 11.87 -28.11 6.61
CA TYR A 266 11.39 -27.48 7.87
C TYR A 266 9.95 -27.82 8.18
N ALA A 267 9.72 -28.15 9.45
CA ALA A 267 8.40 -28.46 9.94
C ALA A 267 7.56 -27.20 10.16
N GLY A 268 8.23 -26.06 10.45
CA GLY A 268 7.57 -24.85 10.93
C GLY A 268 6.97 -25.01 12.32
N TYR A 269 6.71 -23.90 12.97
CA TYR A 269 6.06 -23.92 14.29
C TYR A 269 4.57 -23.61 14.19
N SER A 270 3.76 -24.25 15.03
CA SER A 270 2.33 -23.93 15.20
C SER A 270 2.19 -22.46 15.61
N PHE A 271 1.09 -21.83 15.22
CA PHE A 271 0.92 -20.40 15.51
C PHE A 271 0.83 -20.07 17.01
N GLU A 272 0.36 -21.03 17.81
CA GLU A 272 0.39 -20.90 19.27
C GLU A 272 1.82 -20.57 19.71
N LYS A 273 2.80 -21.29 19.15
CA LYS A 273 4.22 -21.04 19.43
C LYS A 273 4.73 -19.75 18.78
N LEU A 274 4.26 -19.48 17.57
CA LEU A 274 4.72 -18.31 16.83
C LEU A 274 4.14 -17.01 17.40
N PHE A 275 2.93 -17.09 17.96
CA PHE A 275 2.26 -15.94 18.59
C PHE A 275 1.56 -16.33 19.92
N PRO A 276 2.35 -16.57 20.98
CA PRO A 276 1.78 -16.98 22.27
C PRO A 276 1.11 -15.82 23.02
N ASP A 277 0.08 -16.14 23.81
CA ASP A 277 -0.61 -15.16 24.66
C ASP A 277 0.33 -14.07 25.22
N VAL A 278 1.56 -14.46 25.56
CA VAL A 278 2.63 -13.60 26.10
C VAL A 278 2.92 -12.30 25.32
N LEU A 279 2.63 -12.28 24.03
CA LEU A 279 3.00 -11.15 23.15
C LEU A 279 1.92 -10.08 23.04
N PHE A 280 0.68 -10.47 23.30
CA PHE A 280 -0.49 -9.62 23.09
C PHE A 280 -0.78 -8.65 24.24
N PRO A 281 -1.60 -7.62 23.97
CA PRO A 281 -2.25 -6.89 25.05
C PRO A 281 -3.35 -7.72 25.69
N LYS A 290 -9.46 -12.72 22.71
CA LYS A 290 -9.10 -11.84 21.57
C LYS A 290 -7.77 -12.23 20.92
N ALA A 291 -6.79 -12.59 21.74
CA ALA A 291 -5.48 -13.04 21.28
C ALA A 291 -5.58 -14.36 20.51
N SER A 292 -6.53 -15.18 20.92
CA SER A 292 -6.90 -16.41 20.25
C SER A 292 -7.48 -16.19 18.84
N GLN A 293 -8.21 -15.08 18.68
CA GLN A 293 -8.86 -14.71 17.43
C GLN A 293 -7.84 -14.14 16.47
N ALA A 294 -7.04 -13.20 16.95
CA ALA A 294 -5.96 -12.65 16.17
C ALA A 294 -5.01 -13.74 15.65
N ARG A 295 -4.90 -14.84 16.39
CA ARG A 295 -3.95 -15.90 16.05
C ARG A 295 -4.52 -16.73 14.91
N ASP A 296 -5.81 -17.02 14.99
CA ASP A 296 -6.53 -17.83 13.99
C ASP A 296 -6.47 -17.11 12.64
N LEU A 297 -6.63 -15.79 12.68
CA LEU A 297 -6.55 -14.96 11.50
C LEU A 297 -5.17 -15.02 10.86
N LEU A 298 -4.15 -14.77 11.67
CA LEU A 298 -2.78 -14.81 11.22
C LEU A 298 -2.45 -16.14 10.56
N SER A 299 -2.78 -17.24 11.23
CA SER A 299 -2.60 -18.59 10.67
C SER A 299 -3.31 -18.83 9.34
N LYS A 300 -4.22 -17.93 8.97
CA LYS A 300 -4.94 -18.02 7.70
C LYS A 300 -4.40 -17.05 6.63
N MET A 301 -3.70 -16.00 7.05
CA MET A 301 -3.10 -15.01 6.12
C MET A 301 -1.67 -15.36 5.72
N LEU A 302 -0.90 -15.82 6.68
CA LEU A 302 0.47 -16.23 6.40
C LEU A 302 0.52 -17.70 6.06
N VAL A 303 -0.08 -18.02 4.93
CA VAL A 303 -0.09 -19.39 4.37
C VAL A 303 0.68 -19.20 3.09
N ILE A 304 1.73 -19.99 2.89
CA ILE A 304 2.60 -19.85 1.71
C ILE A 304 1.87 -20.12 0.38
N ASP A 305 1.08 -21.18 0.35
CA ASP A 305 0.40 -21.59 -0.86
C ASP A 305 -0.88 -20.74 -0.96
N ALA A 306 -0.94 -19.86 -1.96
CA ALA A 306 -2.02 -18.87 -2.06
C ALA A 306 -3.42 -19.49 -2.27
N SER A 307 -3.43 -20.73 -2.76
CA SER A 307 -4.68 -21.41 -3.05
C SER A 307 -5.30 -21.86 -1.73
N LYS A 308 -4.51 -21.82 -0.67
CA LYS A 308 -5.02 -22.15 0.68
C LYS A 308 -5.05 -20.93 1.61
N ARG A 309 -4.67 -19.76 1.09
CA ARG A 309 -4.62 -18.55 1.88
C ARG A 309 -6.02 -17.90 1.91
N ILE A 310 -6.39 -17.30 3.02
CA ILE A 310 -7.70 -16.67 3.19
C ILE A 310 -7.89 -15.50 2.18
N SER A 311 -9.12 -15.29 1.74
CA SER A 311 -9.47 -14.16 0.89
C SER A 311 -9.69 -12.85 1.67
N VAL A 312 -9.67 -11.73 0.96
CA VAL A 312 -10.04 -10.44 1.54
C VAL A 312 -11.46 -10.45 2.16
N ASP A 313 -12.45 -10.93 1.42
CA ASP A 313 -13.82 -11.06 1.96
C ASP A 313 -13.91 -11.98 3.19
N GLU A 314 -13.21 -13.11 3.18
CA GLU A 314 -13.24 -13.97 4.36
C GLU A 314 -12.51 -13.31 5.56
N ALA A 315 -11.46 -12.53 5.27
CA ALA A 315 -10.74 -11.83 6.34
C ALA A 315 -11.60 -10.67 6.92
N LEU A 316 -12.43 -10.07 6.08
CA LEU A 316 -13.35 -9.03 6.53
C LEU A 316 -14.45 -9.58 7.42
N GLN A 317 -14.78 -10.85 7.19
CA GLN A 317 -15.83 -11.53 7.94
C GLN A 317 -15.30 -12.22 9.17
N HIS A 318 -13.98 -12.22 9.31
CA HIS A 318 -13.35 -12.85 10.45
C HIS A 318 -13.69 -12.12 11.75
N PRO A 319 -14.06 -12.87 12.80
CA PRO A 319 -14.49 -12.32 14.11
C PRO A 319 -13.54 -11.25 14.67
N TYR A 320 -12.24 -11.34 14.39
CA TYR A 320 -11.29 -10.32 14.84
C TYR A 320 -11.44 -8.98 14.09
N ILE A 321 -11.96 -9.05 12.86
CA ILE A 321 -12.09 -7.89 12.00
C ILE A 321 -13.56 -7.43 11.91
N ASN A 322 -14.48 -8.40 11.98
CA ASN A 322 -15.91 -8.15 11.82
C ASN A 322 -16.52 -7.12 12.80
N VAL A 323 -15.87 -6.95 13.94
CA VAL A 323 -16.36 -6.08 15.00
C VAL A 323 -16.68 -4.67 14.48
N TRP A 324 -15.93 -4.23 13.48
CA TRP A 324 -16.10 -2.90 12.92
C TRP A 324 -17.00 -2.84 11.70
N TYR A 325 -17.53 -3.98 11.26
CA TYR A 325 -18.15 -4.06 9.93
C TYR A 325 -19.19 -2.98 9.66
N ASP A 326 -18.99 -2.29 8.54
CA ASP A 326 -19.95 -1.32 8.03
C ASP A 326 -20.03 -1.55 6.52
N PRO A 327 -21.23 -1.93 6.02
CA PRO A 327 -21.41 -2.24 4.59
C PRO A 327 -21.07 -1.08 3.65
N SER A 328 -21.21 0.17 4.10
CA SER A 328 -20.82 1.31 3.29
C SER A 328 -19.28 1.39 3.11
N GLU A 329 -18.56 0.78 4.04
CA GLU A 329 -17.09 0.76 4.00
C GLU A 329 -16.54 -0.51 3.35
N ALA A 330 -17.16 -1.66 3.64
CA ALA A 330 -16.60 -2.93 3.22
C ALA A 330 -17.24 -3.52 1.98
N GLU A 331 -18.08 -2.73 1.28
CA GLU A 331 -18.89 -3.23 0.15
C GLU A 331 -19.28 -2.18 -0.90
N ALA A 332 -18.52 -1.09 -0.99
CA ALA A 332 -18.82 0.05 -1.92
C ALA A 332 -18.74 -0.31 -3.45
N PRO A 333 -19.09 0.66 -4.35
CA PRO A 333 -19.06 0.38 -5.82
C PRO A 333 -17.76 0.80 -6.52
N PRO A 334 -17.42 0.16 -7.67
CA PRO A 334 -16.13 0.36 -8.36
C PRO A 334 -15.94 1.74 -9.01
N ARG A 345 -2.44 1.35 -23.38
CA ARG A 345 -2.15 0.36 -24.46
C ARG A 345 -1.05 0.88 -25.40
N GLU A 346 -1.43 1.22 -26.63
CA GLU A 346 -0.50 1.69 -27.67
C GLU A 346 -0.72 3.17 -28.00
N HIS A 347 0.29 3.99 -27.68
CA HIS A 347 0.28 5.43 -27.97
C HIS A 347 1.69 6.01 -28.08
N THR A 348 1.83 7.09 -28.85
CA THR A 348 3.09 7.84 -28.92
C THR A 348 3.16 8.95 -27.86
N ILE A 349 4.33 9.56 -27.70
CA ILE A 349 4.56 10.60 -26.67
C ILE A 349 3.60 11.78 -26.82
N GLU A 350 3.46 12.29 -28.05
CA GLU A 350 2.55 13.39 -28.33
C GLU A 350 1.08 13.04 -28.04
N GLU A 351 0.72 11.78 -28.25
CA GLU A 351 -0.62 11.30 -27.92
C GLU A 351 -0.81 11.20 -26.41
N TRP A 352 0.20 10.68 -25.73
CA TRP A 352 0.22 10.55 -24.27
C TRP A 352 0.10 11.95 -23.64
N LYS A 353 0.92 12.87 -24.15
CA LYS A 353 0.95 14.28 -23.76
C LYS A 353 -0.46 14.84 -23.73
N GLU A 354 -1.17 14.67 -24.86
CA GLU A 354 -2.56 15.13 -24.99
C GLU A 354 -3.47 14.39 -24.03
N LEU A 355 -3.40 13.07 -24.03
CA LEU A 355 -4.23 12.25 -23.15
C LEU A 355 -4.12 12.71 -21.68
N ILE A 356 -2.88 12.98 -21.26
CA ILE A 356 -2.59 13.49 -19.92
C ILE A 356 -3.10 14.93 -19.75
N TYR A 357 -2.90 15.76 -20.77
CA TYR A 357 -3.32 17.15 -20.71
C TYR A 357 -4.83 17.24 -20.51
N LYS A 358 -5.58 16.39 -21.19
CA LYS A 358 -7.03 16.37 -21.09
C LYS A 358 -7.45 15.94 -19.68
N GLU A 359 -6.77 14.92 -19.16
CA GLU A 359 -7.02 14.44 -17.79
C GLU A 359 -6.76 15.51 -16.74
N VAL A 360 -5.74 16.34 -16.95
CA VAL A 360 -5.50 17.47 -16.07
C VAL A 360 -6.72 18.40 -16.16
N MET A 361 -7.11 18.68 -17.40
CA MET A 361 -8.26 19.54 -17.71
C MET A 361 -9.63 18.92 -17.36
N PRO B 2 -19.05 -2.03 19.88
CA PRO B 2 -17.69 -1.62 20.28
C PRO B 2 -17.33 -0.26 19.69
N LYS B 3 -16.77 0.62 20.50
CA LYS B 3 -16.55 2.00 20.06
C LYS B 3 -15.29 2.10 19.20
N ARG B 4 -15.42 2.74 18.05
CA ARG B 4 -14.29 2.92 17.14
C ARG B 4 -13.29 3.91 17.72
N PRO B 5 -12.06 3.42 17.97
CA PRO B 5 -10.97 4.28 18.47
C PRO B 5 -10.88 5.54 17.65
N THR B 6 -10.68 6.67 18.33
CA THR B 6 -10.63 7.96 17.67
C THR B 6 -9.33 8.69 17.96
N THR B 7 -8.42 8.05 18.70
CA THR B 7 -7.06 8.57 18.87
C THR B 7 -6.00 7.55 18.49
N LEU B 8 -4.89 8.05 17.96
CA LEU B 8 -3.73 7.23 17.69
C LEU B 8 -2.48 8.02 18.06
N ASN B 9 -1.56 7.40 18.78
CA ASN B 9 -0.35 8.11 19.22
C ASN B 9 0.81 7.99 18.23
N LEU B 10 1.06 9.09 17.54
CA LEU B 10 2.16 9.20 16.60
C LEU B 10 3.49 9.43 17.33
N1 1BJ C . 0.22 12.50 2.76
C2 1BJ C . 1.49 12.32 3.08
N3 1BJ C . 2.35 11.91 2.15
C4 1BJ C . -0.22 12.28 1.53
C5 1BJ C . 0.64 11.86 0.53
C6 1BJ C . 1.97 11.69 0.88
N7 1BJ C . 2.88 11.25 -0.08
N8 1BJ C . 1.92 12.55 4.39
C9 1BJ C . 3.20 12.01 4.86
C10 1BJ C . 3.07 10.50 5.13
C11 1BJ C . 4.40 9.88 5.57
C12 1BJ C . 4.97 10.63 6.78
C13 1BJ C . 5.08 12.15 6.52
C14 1BJ C . 3.72 12.74 6.10
O15 1BJ C . 6.27 10.11 7.04
C16 1BJ C . 3.55 10.48 -2.04
N17 1BJ C . 2.51 10.88 -1.37
C18 1BJ C . 4.71 10.57 -1.13
C19 1BJ C . 4.22 11.05 0.09
C20 1BJ C . 5.11 11.24 1.15
C21 1BJ C . 6.45 10.94 0.97
C22 1BJ C . 6.91 10.45 -0.24
C23 1BJ C . 6.07 10.27 -1.30
#